data_5EX3
#
_entry.id   5EX3
#
_cell.length_a   53.378
_cell.length_b   104.659
_cell.length_c   117.599
_cell.angle_alpha   90.000
_cell.angle_beta   90.000
_cell.angle_gamma   90.000
#
_symmetry.space_group_name_H-M   'P 21 21 21'
#
loop_
_entity.id
_entity.type
_entity.pdbx_description
1 polymer 'Histone-lysine N-methyltransferase SMYD3'
2 polymer 'VEGFR1 peptide'
3 non-polymer 'ZINC ION'
4 non-polymer S-ADENOSYL-L-HOMOCYSTEINE
5 non-polymer 'ACETIC ACID'
6 water water
#
loop_
_entity_poly.entity_id
_entity_poly.type
_entity_poly.pdbx_seq_one_letter_code
_entity_poly.pdbx_strand_id
1 'polypeptide(L)'
;GPLGSPEFMEPLKVEKFATANRGNGLRAVTPLRPGELLFRSDPLAYTVCKGSRGVVCDRCLLGKEKLMRCSQCRVAKYCS
AKCQKKAWPDHKRECKCLKSCKPRYPPDSVRLLGRVVFKLMDGAPSESEKLYSFYDLESNINKLTEDRKEGLRQLVMTFQ
HFMREEIQDASQLPPAFDLFEAFAKVICNSFTICNAEMQEVGVGLYPSISLLNHSCDPNCSIVFNGPHLLLRAVRDIEVG
EELTICYLDMLMTSEERRKQLRDQYCFECDCFRCQTQDKDADMLTGDEQVWKEVQESLKKIEELKAHWKWEQVLAMCQAI
ISSNSERLPDINIYQLKVLDCAMDACINLGLLEEALFYGTRTMEPYRIFFPGSHPVRGVQVMKVGKLQLHQGMFPQAMKN
LRLAFDIMRVTHGREHSLIEDLILLLEECDANIRAS
;
A
2 'polypeptide(L)' LKLG(MLY)SLGR D
#
# COMPACT_ATOMS: atom_id res chain seq x y z
N MET A 9 21.25 12.66 -14.68
CA MET A 9 20.45 13.56 -15.48
C MET A 9 19.63 14.49 -14.60
N GLU A 10 19.08 13.96 -13.51
CA GLU A 10 18.10 14.68 -12.70
C GLU A 10 18.65 15.16 -11.35
N PRO A 11 18.46 16.45 -11.05
CA PRO A 11 18.83 17.06 -9.76
C PRO A 11 18.03 16.49 -8.59
N LEU A 12 18.69 16.25 -7.47
CA LEU A 12 18.04 15.79 -6.26
C LEU A 12 17.36 16.96 -5.54
N LYS A 13 16.04 16.87 -5.35
CA LYS A 13 15.28 18.03 -4.90
C LYS A 13 14.76 17.90 -3.47
N VAL A 14 15.26 16.92 -2.73
CA VAL A 14 14.85 16.74 -1.34
C VAL A 14 16.11 16.57 -0.48
N GLU A 15 16.01 16.82 0.81
CA GLU A 15 17.13 16.57 1.72
C GLU A 15 16.61 16.22 3.11
N LYS A 16 17.37 15.38 3.80
CA LYS A 16 17.08 15.05 5.18
C LYS A 16 17.28 16.30 6.02
N PHE A 17 16.54 16.44 7.10
CA PHE A 17 16.81 17.52 8.04
C PHE A 17 16.28 17.12 9.41
N ALA A 18 16.69 17.86 10.44
CA ALA A 18 16.21 17.61 11.80
C ALA A 18 15.04 18.51 12.12
N THR A 19 13.95 17.90 12.57
CA THR A 19 12.75 18.65 12.91
C THR A 19 12.79 18.98 14.39
N ALA A 20 11.93 19.90 14.80
CA ALA A 20 11.75 20.24 16.20
C ALA A 20 11.47 19.02 17.08
N ASN A 21 10.41 18.26 16.77
CA ASN A 21 9.99 17.18 17.66
C ASN A 21 9.67 15.83 17.06
N ARG A 22 9.76 15.70 15.74
CA ARG A 22 9.37 14.45 15.08
C ARG A 22 10.60 13.65 14.69
N GLY A 23 11.75 14.02 15.23
CA GLY A 23 12.99 13.39 14.83
C GLY A 23 13.45 13.95 13.50
N ASN A 24 14.01 13.10 12.66
CA ASN A 24 14.40 13.52 11.32
C ASN A 24 13.20 13.55 10.39
N GLY A 25 13.35 14.32 9.31
CA GLY A 25 12.33 14.38 8.28
C GLY A 25 12.96 14.65 6.93
N LEU A 26 12.11 14.87 5.95
CA LEU A 26 12.55 15.19 4.60
C LEU A 26 11.92 16.51 4.23
N ARG A 27 12.67 17.37 3.55
CA ARG A 27 12.11 18.64 3.09
C ARG A 27 12.58 18.95 1.69
N ALA A 28 11.81 19.79 1.01
CA ALA A 28 12.14 20.27 -0.33
C ALA A 28 13.34 21.23 -0.31
N VAL A 29 14.25 21.13 -1.26
CA VAL A 29 15.31 22.12 -1.36
C VAL A 29 15.04 23.04 -2.55
N THR A 30 13.89 22.87 -3.18
CA THR A 30 13.52 23.66 -4.35
C THR A 30 12.00 23.67 -4.41
N PRO A 31 11.43 24.64 -5.12
CA PRO A 31 9.96 24.64 -5.15
C PRO A 31 9.45 23.49 -6.01
N LEU A 32 8.36 22.87 -5.56
CA LEU A 32 7.81 21.69 -6.24
C LEU A 32 6.37 21.91 -6.62
N ARG A 33 6.00 21.37 -7.77
CA ARG A 33 4.66 21.52 -8.27
C ARG A 33 4.03 20.14 -8.31
N PRO A 34 2.68 20.09 -8.24
CA PRO A 34 1.91 18.84 -8.23
C PRO A 34 2.31 17.90 -9.36
N GLY A 35 2.51 16.62 -9.05
CA GLY A 35 2.88 15.65 -10.07
C GLY A 35 4.38 15.48 -10.19
N GLU A 36 5.13 16.46 -9.71
CA GLU A 36 6.59 16.42 -9.79
C GLU A 36 7.15 15.21 -9.03
N LEU A 37 7.91 14.38 -9.76
CA LEU A 37 8.57 13.21 -9.19
C LEU A 37 9.77 13.62 -8.34
N LEU A 38 9.75 13.24 -7.06
CA LEU A 38 10.77 13.67 -6.13
C LEU A 38 11.81 12.59 -5.92
N PHE A 39 11.39 11.34 -6.05
CA PHE A 39 12.27 10.24 -5.69
C PHE A 39 11.80 8.92 -6.25
N ARG A 40 12.74 8.18 -6.81
CA ARG A 40 12.48 6.84 -7.27
C ARG A 40 13.40 5.95 -6.44
N SER A 41 12.86 4.92 -5.80
CA SER A 41 13.70 4.12 -4.93
C SER A 41 13.43 2.63 -5.07
N ASP A 42 14.50 1.86 -5.10
CA ASP A 42 14.45 0.41 -5.02
C ASP A 42 14.35 0.04 -3.55
N PRO A 43 13.87 -1.18 -3.26
CA PRO A 43 13.81 -1.61 -1.86
C PRO A 43 15.18 -2.03 -1.36
N LEU A 44 15.41 -1.90 -0.06
CA LEU A 44 16.57 -2.50 0.57
C LEU A 44 16.30 -4.00 0.46
N ALA A 45 15.07 -4.38 0.81
CA ALA A 45 14.58 -5.74 0.64
C ALA A 45 13.06 -5.72 0.60
N TYR A 46 12.46 -6.74 0.00
CA TYR A 46 11.00 -6.85 -0.10
C TYR A 46 10.57 -8.29 -0.37
N THR A 47 9.33 -8.58 -0.08
CA THR A 47 8.78 -9.89 -0.38
C THR A 47 7.29 -9.78 -0.73
N VAL A 48 6.81 -10.69 -1.55
CA VAL A 48 5.39 -10.87 -1.77
C VAL A 48 4.76 -11.11 -0.41
N CYS A 49 3.53 -10.64 -0.21
CA CYS A 49 2.89 -10.82 1.10
C CYS A 49 2.05 -12.09 1.10
N LYS A 50 1.69 -12.53 2.29
CA LYS A 50 1.04 -13.82 2.49
C LYS A 50 -0.08 -14.09 1.50
N GLY A 51 -1.07 -13.20 1.49
CA GLY A 51 -2.24 -13.39 0.65
C GLY A 51 -1.96 -13.43 -0.85
N SER A 52 -0.83 -12.86 -1.29
CA SER A 52 -0.54 -12.85 -2.71
C SER A 52 0.58 -13.81 -3.13
N ARG A 53 1.03 -14.64 -2.19
CA ARG A 53 2.13 -15.59 -2.43
C ARG A 53 2.18 -16.20 -3.81
N GLY A 54 1.13 -16.90 -4.21
CA GLY A 54 1.17 -17.57 -5.51
C GLY A 54 0.37 -16.84 -6.56
N VAL A 55 0.00 -15.62 -6.24
CA VAL A 55 -0.84 -14.87 -7.14
C VAL A 55 -0.01 -13.95 -8.04
N VAL A 56 1.02 -13.33 -7.47
CA VAL A 56 1.90 -12.47 -8.27
C VAL A 56 3.32 -13.02 -8.35
N CYS A 57 4.07 -12.56 -9.34
CA CYS A 57 5.45 -12.94 -9.48
C CYS A 57 6.27 -12.49 -8.26
N ASP A 58 6.92 -13.45 -7.60
CA ASP A 58 7.84 -13.19 -6.48
C ASP A 58 8.79 -12.04 -6.73
N ARG A 59 9.21 -11.88 -7.98
CA ARG A 59 10.24 -10.92 -8.36
C ARG A 59 9.64 -9.55 -8.75
N CYS A 60 8.88 -9.52 -9.83
CA CYS A 60 8.38 -8.26 -10.37
C CYS A 60 7.03 -7.87 -9.78
N LEU A 61 6.43 -8.77 -9.01
CA LEU A 61 5.17 -8.51 -8.33
C LEU A 61 4.00 -8.25 -9.28
N LEU A 62 4.09 -8.76 -10.50
CA LEU A 62 3.00 -8.70 -11.46
C LEU A 62 2.10 -9.93 -11.40
N GLY A 63 0.81 -9.73 -11.57
CA GLY A 63 -0.12 -10.86 -11.65
C GLY A 63 -0.09 -11.45 -13.04
N LYS A 64 0.40 -12.67 -13.17
CA LYS A 64 0.43 -13.31 -14.48
C LYS A 64 -0.47 -14.50 -14.42
N GLU A 65 -1.12 -14.80 -15.54
CA GLU A 65 -2.08 -15.90 -15.57
C GLU A 65 -1.49 -17.19 -14.98
N LYS A 66 -0.25 -17.49 -15.36
CA LYS A 66 0.39 -18.77 -15.02
C LYS A 66 1.84 -18.60 -14.53
N LEU A 67 2.12 -19.09 -13.32
CA LEU A 67 3.42 -18.90 -12.67
C LEU A 67 4.20 -20.21 -12.45
N MET A 68 5.53 -20.16 -12.62
CA MET A 68 6.37 -21.33 -12.36
C MET A 68 6.89 -21.40 -10.93
N ARG A 69 6.64 -22.51 -10.26
CA ARG A 69 7.13 -22.67 -8.89
C ARG A 69 8.61 -22.95 -8.94
N CYS A 70 9.35 -22.39 -7.99
CA CYS A 70 10.71 -22.83 -7.73
C CYS A 70 10.67 -24.33 -7.46
N SER A 71 11.44 -25.09 -8.23
CA SER A 71 11.36 -26.55 -8.16
C SER A 71 11.69 -27.09 -6.76
N GLN A 72 12.61 -26.41 -6.08
CA GLN A 72 13.08 -26.87 -4.78
C GLN A 72 12.05 -26.69 -3.68
N CYS A 73 11.70 -25.45 -3.38
CA CYS A 73 10.85 -25.16 -2.24
C CYS A 73 9.38 -25.15 -2.63
N ARG A 74 9.12 -24.94 -3.91
CA ARG A 74 7.77 -24.82 -4.46
C ARG A 74 6.91 -23.75 -3.78
N VAL A 75 7.56 -22.85 -3.05
CA VAL A 75 6.86 -21.75 -2.40
C VAL A 75 6.91 -20.48 -3.22
N ALA A 76 8.11 -20.11 -3.66
CA ALA A 76 8.29 -18.97 -4.54
C ALA A 76 7.82 -19.30 -5.95
N LYS A 77 7.11 -18.36 -6.58
CA LYS A 77 6.64 -18.52 -7.96
C LYS A 77 7.02 -17.33 -8.83
N TYR A 78 7.34 -17.58 -10.09
CA TYR A 78 7.86 -16.55 -11.01
C TYR A 78 7.12 -16.51 -12.34
N CYS A 79 7.19 -15.37 -13.00
CA CYS A 79 6.51 -15.23 -14.27
C CYS A 79 7.38 -15.67 -15.45
N SER A 80 8.63 -16.00 -15.17
CA SER A 80 9.57 -16.37 -16.22
C SER A 80 10.90 -16.74 -15.60
N ALA A 81 11.80 -17.30 -16.42
CA ALA A 81 13.10 -17.71 -15.91
C ALA A 81 13.93 -16.47 -15.62
N LYS A 82 13.76 -15.45 -16.46
CA LYS A 82 14.44 -14.18 -16.23
C LYS A 82 14.15 -13.68 -14.82
N CYS A 83 12.87 -13.70 -14.44
CA CYS A 83 12.50 -13.27 -13.08
C CYS A 83 13.01 -14.22 -12.02
N GLN A 84 13.02 -15.52 -12.31
CA GLN A 84 13.53 -16.51 -11.38
C GLN A 84 15.04 -16.36 -11.18
N LYS A 85 15.74 -16.00 -12.25
CA LYS A 85 17.19 -15.81 -12.16
C LYS A 85 17.52 -14.50 -11.46
N LYS A 86 16.84 -13.43 -11.82
CA LYS A 86 17.03 -12.15 -11.13
C LYS A 86 16.79 -12.26 -9.63
N ALA A 87 15.95 -13.19 -9.21
CA ALA A 87 15.58 -13.28 -7.79
C ALA A 87 16.47 -14.21 -6.97
N TRP A 88 17.29 -15.02 -7.64
CA TRP A 88 18.05 -16.06 -6.95
C TRP A 88 18.95 -15.53 -5.81
N PRO A 89 19.64 -14.40 -6.04
CA PRO A 89 20.34 -13.73 -4.94
C PRO A 89 19.44 -13.58 -3.70
N ASP A 90 18.30 -12.91 -3.87
CA ASP A 90 17.41 -12.61 -2.76
C ASP A 90 16.75 -13.88 -2.23
N HIS A 91 16.74 -14.92 -3.06
CA HIS A 91 16.02 -16.15 -2.74
C HIS A 91 16.90 -17.27 -2.18
N LYS A 92 18.19 -17.23 -2.53
CA LYS A 92 19.16 -18.29 -2.18
C LYS A 92 18.98 -18.83 -0.77
N ARG A 93 19.08 -17.92 0.20
CA ARG A 93 19.11 -18.27 1.61
C ARG A 93 17.76 -18.61 2.22
N GLU A 94 16.68 -18.24 1.56
CA GLU A 94 15.37 -18.50 2.14
C GLU A 94 14.79 -19.80 1.61
N CYS A 95 15.28 -20.22 0.45
CA CYS A 95 14.71 -21.36 -0.27
C CYS A 95 14.66 -22.59 0.58
N LYS A 96 15.79 -22.89 1.23
CA LYS A 96 15.88 -24.03 2.14
C LYS A 96 14.96 -23.77 3.32
N CYS A 97 15.13 -22.62 3.94
CA CYS A 97 14.28 -22.18 5.05
C CYS A 97 12.77 -22.35 4.78
N LEU A 98 12.34 -21.94 3.59
CA LEU A 98 10.92 -22.02 3.20
C LEU A 98 10.49 -23.46 2.98
N LYS A 99 11.31 -24.21 2.25
CA LYS A 99 11.02 -25.60 1.92
C LYS A 99 10.81 -26.39 3.20
N SER A 100 11.66 -26.14 4.19
CA SER A 100 11.64 -26.87 5.46
C SER A 100 10.49 -26.43 6.37
N CYS A 101 10.19 -25.14 6.38
CA CYS A 101 9.10 -24.62 7.18
C CYS A 101 7.80 -25.36 6.81
N LYS A 102 7.63 -25.65 5.52
CA LYS A 102 6.47 -26.38 5.01
C LYS A 102 6.04 -27.56 5.88
N PRO A 103 4.70 -27.75 6.04
CA PRO A 103 3.65 -26.95 5.39
C PRO A 103 3.40 -25.59 6.06
N ARG A 104 4.32 -25.18 6.93
CA ARG A 104 4.26 -23.85 7.53
C ARG A 104 4.75 -22.76 6.57
N TYR A 105 4.37 -21.51 6.88
CA TYR A 105 4.88 -20.34 6.18
C TYR A 105 5.08 -19.26 7.25
N PRO A 106 6.21 -18.54 7.20
CA PRO A 106 6.53 -17.57 8.26
C PRO A 106 5.78 -16.25 8.07
N PRO A 107 5.62 -15.48 9.14
CA PRO A 107 5.03 -14.14 9.01
C PRO A 107 5.87 -13.31 8.04
N ASP A 108 5.22 -12.35 7.38
CA ASP A 108 5.90 -11.56 6.37
C ASP A 108 7.09 -10.81 6.95
N SER A 109 6.93 -10.27 8.15
CA SER A 109 8.00 -9.51 8.76
C SER A 109 9.22 -10.42 8.95
N VAL A 110 8.98 -11.66 9.33
CA VAL A 110 10.07 -12.62 9.44
C VAL A 110 10.74 -12.89 8.08
N ARG A 111 9.94 -13.13 7.05
CA ARG A 111 10.52 -13.42 5.74
C ARG A 111 11.24 -12.17 5.19
N LEU A 112 10.68 -11.01 5.50
CA LEU A 112 11.26 -9.75 5.05
C LEU A 112 12.61 -9.51 5.70
N LEU A 113 12.65 -9.61 7.03
CA LEU A 113 13.91 -9.39 7.73
C LEU A 113 14.96 -10.40 7.27
N GLY A 114 14.50 -11.59 6.92
CA GLY A 114 15.37 -12.63 6.41
C GLY A 114 16.10 -12.19 5.15
N ARG A 115 15.47 -11.36 4.35
CA ARG A 115 16.13 -10.88 3.15
C ARG A 115 17.04 -9.68 3.49
N VAL A 116 16.57 -8.86 4.42
CA VAL A 116 17.34 -7.70 4.85
C VAL A 116 18.77 -8.03 5.31
N VAL A 117 18.92 -8.98 6.24
CA VAL A 117 20.22 -9.26 6.85
C VAL A 117 21.30 -9.55 5.81
N PHE A 118 20.95 -10.28 4.76
CA PHE A 118 21.89 -10.52 3.69
C PHE A 118 22.25 -9.30 2.85
N LYS A 119 21.28 -8.41 2.62
CA LYS A 119 21.55 -7.17 1.90
C LYS A 119 22.50 -6.29 2.69
N LEU A 120 22.37 -6.33 4.01
CA LEU A 120 23.25 -5.56 4.88
C LEU A 120 24.73 -5.93 4.71
N MET A 121 25.00 -7.13 4.20
CA MET A 121 26.36 -7.58 4.05
C MET A 121 26.94 -7.32 2.64
N ASP A 122 26.22 -6.56 1.83
CA ASP A 122 26.73 -6.14 0.53
C ASP A 122 27.83 -5.08 0.67
N GLY A 123 28.71 -5.02 -0.32
CA GLY A 123 29.74 -4.01 -0.38
C GLY A 123 29.25 -2.87 -1.25
N ALA A 124 28.45 -3.23 -2.25
CA ALA A 124 27.79 -2.24 -3.11
C ALA A 124 26.76 -1.48 -2.29
N PRO A 125 27.10 -0.22 -1.93
CA PRO A 125 26.21 0.61 -1.11
C PRO A 125 24.80 0.62 -1.70
N SER A 126 23.80 0.37 -0.86
CA SER A 126 22.42 0.31 -1.34
C SER A 126 21.92 1.68 -1.86
N GLU A 127 21.45 1.69 -3.11
CA GLU A 127 20.80 2.87 -3.66
C GLU A 127 19.58 3.33 -2.84
N SER A 128 18.97 2.39 -2.11
CA SER A 128 17.79 2.68 -1.30
C SER A 128 18.17 3.36 0.01
N GLU A 129 19.46 3.38 0.32
CA GLU A 129 19.91 3.96 1.58
C GLU A 129 20.71 5.25 1.38
N LYS A 130 20.62 5.87 0.22
CA LYS A 130 21.45 7.05 -0.02
C LYS A 130 21.20 8.21 0.94
N LEU A 131 19.99 8.34 1.46
CA LEU A 131 19.69 9.42 2.42
C LEU A 131 19.64 8.94 3.85
N TYR A 132 19.47 7.63 4.05
CA TYR A 132 19.20 7.08 5.37
C TYR A 132 19.41 5.58 5.28
N SER A 133 20.04 5.01 6.30
CA SER A 133 20.34 3.60 6.27
C SER A 133 19.41 2.79 7.17
N PHE A 134 19.46 1.48 7.02
CA PHE A 134 18.71 0.59 7.87
C PHE A 134 19.00 0.91 9.34
N TYR A 135 20.26 1.19 9.63
CA TYR A 135 20.71 1.43 11.01
C TYR A 135 20.22 2.77 11.56
N ASP A 136 19.97 3.73 10.67
CA ASP A 136 19.41 5.02 11.06
C ASP A 136 17.92 4.94 11.40
N LEU A 137 17.26 3.89 10.91
CA LEU A 137 15.79 3.82 11.04
C LEU A 137 15.36 3.94 12.51
N GLU A 138 14.21 4.58 12.73
CA GLU A 138 13.65 4.72 14.05
C GLU A 138 13.11 3.38 14.53
N SER A 139 13.42 3.03 15.78
CA SER A 139 12.91 1.79 16.36
C SER A 139 11.86 2.10 17.41
N ASN A 140 11.88 3.32 17.95
CA ASN A 140 10.94 3.71 18.99
C ASN A 140 11.10 2.84 20.20
N ILE A 141 12.32 2.32 20.37
CA ILE A 141 12.61 1.28 21.33
C ILE A 141 12.22 1.68 22.74
N ASN A 142 12.44 2.95 23.08
CA ASN A 142 12.11 3.44 24.41
C ASN A 142 10.63 3.72 24.68
N LYS A 143 9.82 3.74 23.61
CA LYS A 143 8.38 4.01 23.74
C LYS A 143 7.50 2.77 23.62
N LEU A 144 8.10 1.63 23.28
CA LEU A 144 7.32 0.42 23.11
C LEU A 144 6.69 -0.02 24.43
N THR A 145 5.44 -0.45 24.34
CA THR A 145 4.72 -1.03 25.46
C THR A 145 5.16 -2.46 25.65
N GLU A 146 4.91 -3.00 26.84
CA GLU A 146 5.30 -4.37 27.13
C GLU A 146 4.59 -5.37 26.21
N ASP A 147 3.36 -5.06 25.82
CA ASP A 147 2.64 -5.96 24.95
C ASP A 147 3.42 -6.13 23.66
N ARG A 148 3.93 -5.02 23.16
CA ARG A 148 4.72 -4.99 21.93
C ARG A 148 6.06 -5.71 22.05
N LYS A 149 6.81 -5.37 23.10
CA LYS A 149 8.09 -6.01 23.32
C LYS A 149 7.93 -7.53 23.31
N GLU A 150 6.81 -7.99 23.87
CA GLU A 150 6.54 -9.41 23.95
C GLU A 150 6.37 -10.02 22.56
N GLY A 151 5.60 -9.33 21.72
CA GLY A 151 5.32 -9.83 20.39
C GLY A 151 6.56 -9.81 19.53
N LEU A 152 7.38 -8.79 19.76
CA LEU A 152 8.66 -8.68 19.10
C LEU A 152 9.58 -9.86 19.48
N ARG A 153 9.59 -10.21 20.77
CA ARG A 153 10.42 -11.32 21.22
C ARG A 153 10.03 -12.59 20.51
N GLN A 154 8.73 -12.78 20.33
CA GLN A 154 8.22 -13.92 19.60
C GLN A 154 8.74 -13.90 18.15
N LEU A 155 8.60 -12.77 17.46
CA LEU A 155 9.14 -12.68 16.11
C LEU A 155 10.62 -13.05 16.09
N VAL A 156 11.35 -12.62 17.11
CA VAL A 156 12.76 -12.95 17.20
C VAL A 156 12.97 -14.46 17.22
N MET A 157 12.30 -15.15 18.12
CA MET A 157 12.39 -16.61 18.15
C MET A 157 11.99 -17.26 16.82
N THR A 158 10.89 -16.78 16.24
CA THR A 158 10.38 -17.36 15.01
C THR A 158 11.45 -17.22 13.93
N PHE A 159 12.13 -16.08 13.93
CA PHE A 159 13.20 -15.84 12.97
C PHE A 159 14.32 -16.84 13.17
N GLN A 160 14.75 -16.98 14.43
CA GLN A 160 15.85 -17.88 14.78
C GLN A 160 15.56 -19.29 14.28
N HIS A 161 14.32 -19.72 14.45
CA HIS A 161 13.92 -21.04 14.00
C HIS A 161 13.81 -21.12 12.47
N PHE A 162 13.28 -20.06 11.87
CA PHE A 162 13.01 -20.08 10.43
C PHE A 162 14.31 -20.05 9.64
N MET A 163 15.27 -19.30 10.14
CA MET A 163 16.56 -19.15 9.47
C MET A 163 17.62 -20.20 9.86
N ARG A 164 17.27 -21.11 10.78
CA ARG A 164 18.27 -21.99 11.40
C ARG A 164 19.20 -22.72 10.41
N GLU A 165 18.66 -23.10 9.26
CA GLU A 165 19.48 -23.70 8.21
C GLU A 165 20.61 -22.78 7.69
N GLU A 166 20.40 -21.46 7.76
CA GLU A 166 21.38 -20.52 7.21
C GLU A 166 22.10 -19.71 8.27
N ILE A 167 21.44 -19.47 9.39
CA ILE A 167 22.07 -18.71 10.47
C ILE A 167 21.82 -19.38 11.80
N GLN A 168 22.92 -19.72 12.48
CA GLN A 168 22.85 -20.39 13.76
C GLN A 168 23.25 -19.46 14.91
N ASP A 169 24.00 -18.41 14.61
CA ASP A 169 24.53 -17.54 15.66
C ASP A 169 24.64 -16.08 15.23
N ALA A 170 24.67 -15.18 16.22
CA ALA A 170 24.76 -13.73 15.96
C ALA A 170 26.03 -13.32 15.21
N SER A 171 27.08 -14.13 15.30
CA SER A 171 28.37 -13.76 14.76
C SER A 171 28.41 -13.92 13.25
N GLN A 172 27.34 -14.52 12.72
CA GLN A 172 27.20 -14.68 11.27
C GLN A 172 26.51 -13.47 10.62
N LEU A 173 26.20 -12.45 11.42
CA LEU A 173 25.61 -11.20 10.94
C LEU A 173 26.46 -10.03 11.41
N PRO A 174 26.20 -8.81 10.88
CA PRO A 174 27.08 -7.71 11.30
C PRO A 174 26.88 -7.39 12.77
N PRO A 175 27.96 -7.03 13.45
CA PRO A 175 27.95 -6.79 14.90
C PRO A 175 26.95 -5.71 15.28
N ALA A 176 26.81 -4.67 14.46
CA ALA A 176 25.87 -3.59 14.77
C ALA A 176 24.40 -4.03 14.72
N PHE A 177 24.12 -5.08 13.94
CA PHE A 177 22.77 -5.57 13.78
C PHE A 177 22.27 -6.27 15.04
N ASP A 178 21.05 -5.95 15.43
CA ASP A 178 20.38 -6.58 16.57
C ASP A 178 18.95 -7.00 16.18
N LEU A 179 18.65 -8.30 16.31
CA LEU A 179 17.34 -8.85 15.94
C LEU A 179 16.14 -8.14 16.57
N PHE A 180 16.21 -7.89 17.87
CA PHE A 180 15.08 -7.28 18.54
C PHE A 180 14.85 -5.89 17.97
N GLU A 181 15.92 -5.11 17.88
CA GLU A 181 15.85 -3.79 17.27
C GLU A 181 15.45 -3.82 15.79
N ALA A 182 15.91 -4.83 15.06
CA ALA A 182 15.54 -4.96 13.66
C ALA A 182 14.03 -5.12 13.50
N PHE A 183 13.42 -5.98 14.30
CA PHE A 183 11.97 -6.14 14.23
C PHE A 183 11.21 -4.88 14.61
N ALA A 184 11.67 -4.17 15.63
CA ALA A 184 11.02 -2.93 16.01
C ALA A 184 11.05 -1.97 14.82
N LYS A 185 12.21 -1.85 14.19
CA LYS A 185 12.38 -1.00 13.02
C LYS A 185 11.44 -1.44 11.89
N VAL A 186 11.29 -2.75 11.74
CA VAL A 186 10.48 -3.28 10.65
C VAL A 186 9.00 -2.93 10.78
N ILE A 187 8.48 -2.96 12.00
CA ILE A 187 7.07 -2.67 12.26
C ILE A 187 6.70 -1.25 11.90
N CYS A 188 7.59 -0.30 12.19
CA CYS A 188 7.29 1.10 11.92
C CYS A 188 7.93 1.69 10.65
N ASN A 189 8.60 0.85 9.86
CA ASN A 189 9.25 1.37 8.66
C ASN A 189 8.91 0.62 7.39
N SER A 190 8.19 -0.48 7.51
CA SER A 190 7.91 -1.24 6.31
C SER A 190 6.81 -0.57 5.48
N PHE A 191 6.89 -0.73 4.17
CA PHE A 191 5.88 -0.16 3.29
C PHE A 191 5.05 -1.29 2.72
N THR A 192 3.76 -1.10 2.62
CA THR A 192 3.02 -2.10 1.91
C THR A 192 3.09 -1.71 0.45
N ILE A 193 3.40 -2.68 -0.38
CA ILE A 193 3.62 -2.49 -1.80
C ILE A 193 2.33 -2.79 -2.52
N CYS A 194 1.92 -1.90 -3.41
CA CYS A 194 0.65 -2.05 -4.13
C CYS A 194 0.89 -2.06 -5.62
N ASN A 195 0.08 -2.82 -6.36
CA ASN A 195 0.18 -2.73 -7.80
C ASN A 195 -0.34 -1.35 -8.29
N ALA A 196 -0.57 -1.19 -9.58
CA ALA A 196 -0.87 0.14 -10.09
C ALA A 196 -2.33 0.54 -9.80
N GLU A 197 -3.19 -0.47 -9.68
CA GLU A 197 -4.58 -0.29 -9.27
C GLU A 197 -4.73 -0.37 -7.75
N MET A 198 -3.69 0.06 -7.05
CA MET A 198 -3.67 0.14 -5.59
C MET A 198 -4.15 -1.11 -4.83
N GLN A 199 -3.86 -2.29 -5.38
CA GLN A 199 -4.10 -3.55 -4.67
C GLN A 199 -2.83 -3.97 -3.92
N GLU A 200 -2.98 -4.35 -2.65
CA GLU A 200 -1.85 -4.80 -1.84
C GLU A 200 -1.23 -6.13 -2.33
N VAL A 201 0.03 -6.10 -2.73
CA VAL A 201 0.70 -7.30 -3.21
C VAL A 201 1.98 -7.67 -2.46
N GLY A 202 2.47 -6.80 -1.58
CA GLY A 202 3.76 -7.06 -0.94
C GLY A 202 4.16 -6.11 0.17
N VAL A 203 5.37 -6.30 0.70
CA VAL A 203 5.91 -5.42 1.72
C VAL A 203 7.42 -5.22 1.56
N GLY A 204 7.92 -4.02 1.84
CA GLY A 204 9.33 -3.76 1.68
C GLY A 204 9.90 -2.72 2.62
N LEU A 205 11.21 -2.56 2.57
CA LEU A 205 11.87 -1.57 3.37
C LEU A 205 12.58 -0.62 2.41
N TYR A 206 12.32 0.68 2.59
CA TYR A 206 12.85 1.74 1.74
C TYR A 206 13.43 2.82 2.66
N PRO A 207 14.63 2.56 3.19
CA PRO A 207 15.12 3.38 4.31
C PRO A 207 15.17 4.88 4.01
N SER A 208 15.54 5.28 2.80
CA SER A 208 15.55 6.71 2.45
C SER A 208 14.12 7.31 2.46
N ILE A 209 13.15 6.55 1.97
CA ILE A 209 11.78 7.01 1.93
C ILE A 209 11.24 7.07 3.37
N SER A 210 11.91 6.36 4.28
CA SER A 210 11.45 6.30 5.66
C SER A 210 11.57 7.60 6.45
N LEU A 211 12.30 8.59 5.88
CA LEU A 211 12.43 9.90 6.50
C LEU A 211 11.11 10.67 6.58
N LEU A 212 10.19 10.36 5.68
CA LEU A 212 8.94 11.12 5.57
C LEU A 212 8.09 10.92 6.79
N ASN A 213 7.84 12.01 7.50
CA ASN A 213 6.88 11.96 8.59
C ASN A 213 5.44 11.97 8.07
N HIS A 214 4.51 11.66 8.98
CA HIS A 214 3.13 11.43 8.62
C HIS A 214 2.30 12.71 8.74
N SER A 215 1.28 12.80 7.90
CA SER A 215 0.26 13.80 8.09
C SER A 215 -1.02 13.19 7.57
N CYS A 216 -2.14 13.49 8.23
CA CYS A 216 -3.43 13.02 7.73
C CYS A 216 -3.88 13.87 6.53
N ASP A 217 -3.06 14.88 6.20
CA ASP A 217 -3.29 15.73 5.03
C ASP A 217 -1.96 16.02 4.33
N PRO A 218 -1.40 15.02 3.65
CA PRO A 218 -0.02 15.09 3.16
C PRO A 218 0.14 15.95 1.91
N ASN A 219 1.37 16.38 1.65
CA ASN A 219 1.64 17.11 0.42
C ASN A 219 2.31 16.22 -0.64
N CYS A 220 2.58 14.97 -0.27
CA CYS A 220 3.14 13.97 -1.21
C CYS A 220 2.35 12.69 -1.20
N SER A 221 2.54 11.89 -2.25
CA SER A 221 1.98 10.57 -2.23
C SER A 221 2.87 9.58 -2.98
N ILE A 222 2.59 8.31 -2.76
CA ILE A 222 3.44 7.22 -3.21
C ILE A 222 2.64 6.28 -4.10
N VAL A 223 3.26 5.86 -5.20
CA VAL A 223 2.74 4.81 -6.08
C VAL A 223 3.91 3.89 -6.45
N PHE A 224 3.64 2.59 -6.62
CA PHE A 224 4.71 1.65 -6.96
C PHE A 224 4.65 1.23 -8.41
N ASN A 225 5.80 0.87 -8.96
CA ASN A 225 5.90 0.12 -10.21
C ASN A 225 6.68 -1.14 -9.86
N GLY A 226 5.98 -2.26 -9.77
CA GLY A 226 6.57 -3.45 -9.16
C GLY A 226 7.13 -3.08 -7.79
N PRO A 227 8.38 -3.50 -7.51
CA PRO A 227 8.93 -3.16 -6.19
C PRO A 227 9.53 -1.75 -6.14
N HIS A 228 9.50 -1.03 -7.26
CA HIS A 228 10.06 0.31 -7.29
C HIS A 228 9.08 1.36 -6.76
N LEU A 229 9.54 2.18 -5.82
CA LEU A 229 8.69 3.16 -5.16
C LEU A 229 8.89 4.57 -5.73
N LEU A 230 7.80 5.18 -6.21
CA LEU A 230 7.81 6.55 -6.73
C LEU A 230 7.12 7.51 -5.79
N LEU A 231 7.83 8.54 -5.39
CA LEU A 231 7.31 9.56 -4.50
C LEU A 231 7.07 10.87 -5.28
N ARG A 232 5.83 11.37 -5.23
CA ARG A 232 5.43 12.58 -5.95
C ARG A 232 4.82 13.66 -5.06
N ALA A 233 4.95 14.91 -5.49
CA ALA A 233 4.20 16.01 -4.89
C ALA A 233 2.79 16.01 -5.47
N VAL A 234 1.79 16.20 -4.63
CA VAL A 234 0.41 16.27 -5.11
C VAL A 234 -0.16 17.65 -4.85
N ARG A 235 0.72 18.62 -4.72
CA ARG A 235 0.36 19.89 -4.15
C ARG A 235 1.55 20.77 -4.40
N ASP A 236 1.35 22.08 -4.42
CA ASP A 236 2.52 22.97 -4.52
C ASP A 236 3.26 22.98 -3.18
N ILE A 237 4.58 22.96 -3.25
CA ILE A 237 5.40 22.84 -2.05
C ILE A 237 6.54 23.85 -2.16
N GLU A 238 6.82 24.54 -1.05
CA GLU A 238 7.84 25.57 -1.02
C GLU A 238 9.20 25.08 -0.52
N VAL A 239 10.28 25.75 -0.95
CA VAL A 239 11.60 25.47 -0.44
C VAL A 239 11.53 25.40 1.08
N GLY A 240 12.21 24.41 1.67
CA GLY A 240 12.19 24.25 3.11
C GLY A 240 10.91 23.69 3.71
N GLU A 241 9.90 23.41 2.91
CA GLU A 241 8.68 22.83 3.46
C GLU A 241 8.87 21.33 3.69
N GLU A 242 8.48 20.86 4.87
CA GLU A 242 8.58 19.44 5.17
C GLU A 242 7.68 18.61 4.22
N LEU A 243 8.22 17.49 3.75
CA LEU A 243 7.44 16.60 2.88
C LEU A 243 6.77 15.58 3.76
N THR A 244 5.50 15.32 3.49
CA THR A 244 4.76 14.37 4.30
C THR A 244 3.93 13.41 3.46
N ILE A 245 3.67 12.24 4.02
CA ILE A 245 2.72 11.33 3.42
C ILE A 245 1.78 10.89 4.51
N CYS A 246 0.70 10.24 4.13
CA CYS A 246 -0.20 9.73 5.13
C CYS A 246 0.11 8.26 5.31
N TYR A 247 0.41 7.85 6.54
CA TYR A 247 0.80 6.47 6.85
C TYR A 247 -0.35 5.47 6.76
N LEU A 248 -1.58 6.00 6.75
CA LEU A 248 -2.81 5.25 7.03
C LEU A 248 -3.82 5.26 5.87
N ASP A 249 -4.80 4.36 5.94
CA ASP A 249 -5.94 4.40 5.02
C ASP A 249 -6.67 5.72 5.22
N MET A 250 -7.16 6.32 4.15
CA MET A 250 -7.94 7.54 4.30
C MET A 250 -9.33 7.29 4.91
N LEU A 251 -9.86 6.07 4.78
CA LEU A 251 -11.17 5.77 5.34
C LEU A 251 -11.06 5.31 6.79
N MET A 252 -10.77 6.25 7.68
CA MET A 252 -10.60 5.97 9.10
C MET A 252 -10.96 7.24 9.86
N THR A 253 -11.66 7.06 10.98
CA THR A 253 -12.08 8.17 11.83
C THR A 253 -10.88 8.67 12.60
N SER A 254 -10.94 9.91 13.06
CA SER A 254 -9.84 10.50 13.80
C SER A 254 -9.40 9.57 14.95
N GLU A 255 -10.36 8.86 15.53
CA GLU A 255 -10.07 7.99 16.67
C GLU A 255 -9.36 6.72 16.24
N GLU A 256 -9.80 6.12 15.13
CA GLU A 256 -9.11 4.95 14.57
C GLU A 256 -7.68 5.32 14.19
N ARG A 257 -7.52 6.50 13.58
CA ARG A 257 -6.20 6.95 13.19
C ARG A 257 -5.29 7.12 14.42
N ARG A 258 -5.85 7.70 15.48
CA ARG A 258 -5.07 7.93 16.70
C ARG A 258 -4.56 6.61 17.24
N LYS A 259 -5.42 5.60 17.27
CA LYS A 259 -5.05 4.32 17.84
C LYS A 259 -3.97 3.60 17.05
N GLN A 260 -4.10 3.55 15.73
CA GLN A 260 -3.09 2.88 14.93
C GLN A 260 -1.75 3.63 14.95
N LEU A 261 -1.80 4.96 14.96
CA LEU A 261 -0.55 5.74 15.06
C LEU A 261 0.15 5.49 16.39
N ARG A 262 -0.64 5.41 17.45
CA ARG A 262 -0.11 5.05 18.76
C ARG A 262 0.52 3.64 18.72
N ASP A 263 -0.28 2.67 18.28
CA ASP A 263 0.09 1.26 18.38
C ASP A 263 1.23 0.82 17.48
N GLN A 264 1.40 1.49 16.35
CA GLN A 264 2.35 1.01 15.37
C GLN A 264 3.54 1.96 15.28
N TYR A 265 3.33 3.22 15.65
CA TYR A 265 4.30 4.28 15.40
C TYR A 265 4.66 5.10 16.63
N CYS A 266 3.99 4.84 17.74
CA CYS A 266 4.33 5.48 19.02
C CYS A 266 4.31 7.01 18.96
N PHE A 267 3.31 7.56 18.30
CA PHE A 267 3.10 8.99 18.36
C PHE A 267 1.63 9.34 18.15
N GLU A 268 1.28 10.55 18.54
CA GLU A 268 -0.05 11.07 18.33
C GLU A 268 0.04 12.17 17.29
N CYS A 269 -0.84 12.12 16.29
CA CYS A 269 -0.82 13.11 15.24
C CYS A 269 -1.50 14.39 15.71
N ASP A 270 -0.82 15.51 15.51
CA ASP A 270 -1.37 16.81 15.88
C ASP A 270 -1.74 17.60 14.63
N CYS A 271 -1.85 16.90 13.49
CA CYS A 271 -2.24 17.55 12.26
C CYS A 271 -3.62 18.20 12.46
N PHE A 272 -3.95 19.17 11.63
CA PHE A 272 -5.18 19.91 11.86
C PHE A 272 -6.41 19.01 11.76
N ARG A 273 -6.37 17.99 10.92
CA ARG A 273 -7.52 17.10 10.77
C ARG A 273 -7.79 16.34 12.05
N CYS A 274 -6.72 15.96 12.75
CA CYS A 274 -6.87 15.25 14.00
C CYS A 274 -7.37 16.16 15.14
N GLN A 275 -6.96 17.42 15.10
CA GLN A 275 -7.42 18.40 16.08
C GLN A 275 -8.93 18.65 15.99
N THR A 276 -9.48 18.60 14.78
CA THR A 276 -10.85 19.04 14.55
C THR A 276 -11.83 17.91 14.21
N GLN A 277 -11.35 16.66 14.27
CA GLN A 277 -12.15 15.49 13.90
C GLN A 277 -12.75 15.63 12.52
N ASP A 278 -11.99 16.27 11.64
CA ASP A 278 -12.38 16.54 10.26
C ASP A 278 -13.03 15.34 9.56
N LYS A 279 -14.32 15.45 9.23
CA LYS A 279 -15.05 14.44 8.42
C LYS A 279 -15.50 13.25 9.24
N ASP A 280 -15.19 13.25 10.54
CA ASP A 280 -15.60 12.16 11.40
C ASP A 280 -17.12 11.96 11.33
N ALA A 281 -17.87 13.06 11.31
CA ALA A 281 -19.34 13.00 11.28
C ALA A 281 -19.87 12.35 10.01
N ASP A 282 -19.37 12.75 8.84
CA ASP A 282 -19.77 12.08 7.62
C ASP A 282 -19.43 10.60 7.62
N MET A 283 -18.27 10.27 8.16
CA MET A 283 -17.78 8.90 8.06
C MET A 283 -18.69 7.97 8.85
N LEU A 284 -19.33 8.52 9.88
CA LEU A 284 -20.14 7.73 10.78
C LEU A 284 -21.65 7.91 10.57
N THR A 285 -22.03 8.53 9.47
CA THR A 285 -23.42 8.67 9.13
C THR A 285 -24.16 7.35 9.36
N GLY A 286 -25.26 7.40 10.12
CA GLY A 286 -26.07 6.22 10.39
C GLY A 286 -26.06 5.84 11.86
N ASP A 287 -26.78 4.78 12.21
CA ASP A 287 -26.89 4.39 13.62
C ASP A 287 -25.81 3.38 13.94
N GLU A 288 -25.03 3.69 14.97
CA GLU A 288 -23.95 2.82 15.40
C GLU A 288 -24.42 1.37 15.56
N GLN A 289 -25.65 1.18 15.98
CA GLN A 289 -26.17 -0.17 16.16
C GLN A 289 -26.13 -0.93 14.87
N VAL A 290 -26.39 -0.23 13.77
CA VAL A 290 -26.39 -0.82 12.43
C VAL A 290 -24.97 -0.99 11.88
N TRP A 291 -24.25 0.12 11.77
CA TRP A 291 -22.95 0.08 11.13
C TRP A 291 -21.87 -0.64 11.94
N LYS A 292 -22.12 -0.92 13.21
CA LYS A 292 -21.18 -1.71 14.00
C LYS A 292 -21.05 -3.11 13.39
N GLU A 293 -22.17 -3.67 12.94
CA GLU A 293 -22.19 -5.00 12.36
C GLU A 293 -21.29 -4.98 11.14
N VAL A 294 -21.47 -3.94 10.33
CA VAL A 294 -20.70 -3.81 9.10
C VAL A 294 -19.20 -3.72 9.39
N GLN A 295 -18.83 -2.90 10.38
CA GLN A 295 -17.44 -2.79 10.75
C GLN A 295 -16.85 -4.16 11.10
N GLU A 296 -17.63 -4.98 11.80
CA GLU A 296 -17.17 -6.29 12.22
C GLU A 296 -16.93 -7.17 11.00
N SER A 297 -17.98 -7.36 10.20
CA SER A 297 -17.89 -8.14 8.98
C SER A 297 -16.68 -7.78 8.12
N LEU A 298 -16.27 -6.52 8.15
CA LEU A 298 -15.16 -6.05 7.31
C LEU A 298 -13.84 -6.78 7.58
N LYS A 299 -13.64 -7.18 8.83
CA LYS A 299 -12.50 -7.98 9.21
C LYS A 299 -12.34 -9.17 8.27
N LYS A 300 -13.32 -10.06 8.28
CA LYS A 300 -13.31 -11.25 7.43
C LYS A 300 -13.20 -10.88 5.96
N ILE A 301 -14.06 -9.96 5.53
CA ILE A 301 -14.13 -9.53 4.14
C ILE A 301 -12.76 -9.12 3.59
N GLU A 302 -12.04 -8.28 4.32
CA GLU A 302 -10.75 -7.78 3.86
C GLU A 302 -9.63 -8.85 3.91
N GLU A 303 -9.73 -9.77 4.86
CA GLU A 303 -8.80 -10.91 4.89
C GLU A 303 -9.01 -11.77 3.65
N LEU A 304 -10.27 -11.90 3.24
CA LEU A 304 -10.61 -12.61 2.02
C LEU A 304 -10.08 -11.92 0.75
N LYS A 305 -10.10 -10.59 0.73
CA LYS A 305 -9.60 -9.87 -0.44
C LYS A 305 -8.08 -9.96 -0.53
N ALA A 306 -7.42 -9.90 0.62
CA ALA A 306 -5.97 -10.10 0.67
C ALA A 306 -5.55 -11.42 0.00
N HIS A 307 -6.40 -12.44 0.10
CA HIS A 307 -6.13 -13.74 -0.54
C HIS A 307 -6.82 -13.90 -1.90
N TRP A 308 -7.28 -12.79 -2.46
CA TRP A 308 -7.88 -12.80 -3.80
C TRP A 308 -9.00 -13.84 -3.94
N LYS A 309 -9.78 -14.03 -2.89
CA LYS A 309 -10.95 -14.93 -2.92
C LYS A 309 -12.21 -14.15 -3.31
N TRP A 310 -12.34 -13.86 -4.61
CA TRP A 310 -13.38 -12.95 -5.06
C TRP A 310 -14.83 -13.48 -4.95
N GLU A 311 -15.04 -14.76 -5.24
CA GLU A 311 -16.37 -15.33 -5.05
C GLU A 311 -16.82 -15.13 -3.61
N GLN A 312 -15.97 -15.49 -2.65
CA GLN A 312 -16.35 -15.39 -1.25
C GLN A 312 -16.62 -13.95 -0.83
N VAL A 313 -15.74 -13.03 -1.23
CA VAL A 313 -15.93 -11.62 -0.92
C VAL A 313 -17.27 -11.11 -1.45
N LEU A 314 -17.65 -11.49 -2.67
CA LEU A 314 -18.90 -10.99 -3.25
C LEU A 314 -20.12 -11.40 -2.44
N ALA A 315 -20.14 -12.66 -2.02
CA ALA A 315 -21.29 -13.19 -1.29
C ALA A 315 -21.53 -12.45 0.02
N MET A 316 -20.48 -12.30 0.83
CA MET A 316 -20.56 -11.57 2.10
C MET A 316 -21.01 -10.13 1.86
N CYS A 317 -20.41 -9.48 0.87
CA CYS A 317 -20.73 -8.11 0.54
C CYS A 317 -22.21 -7.96 0.15
N GLN A 318 -22.69 -8.86 -0.71
CA GLN A 318 -24.07 -8.79 -1.17
C GLN A 318 -25.07 -8.90 -0.04
N ALA A 319 -24.84 -9.83 0.88
CA ALA A 319 -25.72 -10.01 2.02
C ALA A 319 -25.81 -8.70 2.80
N ILE A 320 -24.65 -8.11 3.06
CA ILE A 320 -24.55 -6.88 3.82
C ILE A 320 -25.22 -5.69 3.13
N ILE A 321 -24.96 -5.55 1.84
CA ILE A 321 -25.45 -4.39 1.10
C ILE A 321 -26.96 -4.49 0.97
N SER A 322 -27.41 -5.70 0.63
CA SER A 322 -28.82 -5.97 0.51
C SER A 322 -29.54 -5.62 1.82
N SER A 323 -29.07 -6.19 2.92
CA SER A 323 -29.74 -6.05 4.20
C SER A 323 -29.77 -4.62 4.78
N ASN A 324 -28.92 -3.74 4.27
CA ASN A 324 -28.81 -2.41 4.88
C ASN A 324 -29.35 -1.27 4.04
N SER A 325 -29.92 -1.62 2.89
CA SER A 325 -30.28 -0.62 1.89
C SER A 325 -31.32 0.39 2.38
N GLU A 326 -32.02 0.08 3.46
CA GLU A 326 -33.10 0.93 3.90
C GLU A 326 -32.73 1.83 5.08
N ARG A 327 -31.60 1.57 5.71
CA ARG A 327 -31.25 2.29 6.92
C ARG A 327 -29.81 2.78 7.03
N LEU A 328 -28.93 2.39 6.11
CA LEU A 328 -27.54 2.85 6.21
C LEU A 328 -27.05 3.52 4.92
N PRO A 329 -26.66 4.80 5.01
CA PRO A 329 -26.21 5.51 3.81
C PRO A 329 -24.83 5.05 3.32
N ASP A 330 -24.63 5.18 2.02
CA ASP A 330 -23.38 4.77 1.41
C ASP A 330 -22.17 5.57 1.87
N ILE A 331 -22.38 6.76 2.42
CA ILE A 331 -21.25 7.60 2.82
C ILE A 331 -20.63 7.11 4.12
N ASN A 332 -21.36 6.26 4.85
CA ASN A 332 -20.79 5.64 6.03
C ASN A 332 -19.58 4.83 5.58
N ILE A 333 -18.43 5.02 6.21
CA ILE A 333 -17.20 4.41 5.68
C ILE A 333 -17.18 2.88 5.66
N TYR A 334 -17.77 2.24 6.66
CA TYR A 334 -17.79 0.78 6.69
C TYR A 334 -18.64 0.25 5.56
N GLN A 335 -19.77 0.89 5.32
CA GLN A 335 -20.62 0.52 4.19
C GLN A 335 -19.93 0.81 2.86
N LEU A 336 -19.24 1.95 2.80
CA LEU A 336 -18.51 2.36 1.61
C LEU A 336 -17.47 1.28 1.26
N LYS A 337 -16.63 0.94 2.23
CA LYS A 337 -15.64 -0.13 2.03
C LYS A 337 -16.29 -1.42 1.54
N VAL A 338 -17.50 -1.74 2.00
CA VAL A 338 -18.14 -2.96 1.52
C VAL A 338 -18.52 -2.83 0.06
N LEU A 339 -18.93 -1.65 -0.37
CA LEU A 339 -19.24 -1.39 -1.77
C LEU A 339 -17.98 -1.50 -2.62
N ASP A 340 -16.89 -0.96 -2.09
CA ASP A 340 -15.67 -0.95 -2.86
C ASP A 340 -15.20 -2.39 -3.10
N CYS A 341 -15.22 -3.20 -2.06
CA CYS A 341 -14.94 -4.63 -2.20
C CYS A 341 -15.88 -5.32 -3.19
N ALA A 342 -17.18 -5.10 -3.01
CA ALA A 342 -18.16 -5.67 -3.93
C ALA A 342 -17.79 -5.36 -5.38
N MET A 343 -17.59 -4.08 -5.68
CA MET A 343 -17.21 -3.68 -7.04
C MET A 343 -15.97 -4.45 -7.52
N ASP A 344 -14.88 -4.41 -6.76
CA ASP A 344 -13.65 -5.08 -7.18
C ASP A 344 -13.93 -6.55 -7.43
N ALA A 345 -14.74 -7.17 -6.59
CA ALA A 345 -15.08 -8.58 -6.75
C ALA A 345 -15.80 -8.81 -8.07
N CYS A 346 -16.83 -8.00 -8.35
CA CYS A 346 -17.57 -8.10 -9.59
C CYS A 346 -16.67 -7.91 -10.82
N ILE A 347 -15.76 -6.95 -10.75
CA ILE A 347 -14.83 -6.72 -11.86
C ILE A 347 -14.00 -7.97 -12.15
N ASN A 348 -13.47 -8.58 -11.10
CA ASN A 348 -12.70 -9.81 -11.27
C ASN A 348 -13.53 -11.01 -11.71
N LEU A 349 -14.83 -10.98 -11.41
CA LEU A 349 -15.72 -12.09 -11.76
C LEU A 349 -16.51 -11.82 -13.04
N GLY A 350 -16.16 -10.75 -13.76
CA GLY A 350 -16.82 -10.44 -15.01
C GLY A 350 -18.27 -10.00 -14.85
N LEU A 351 -18.67 -9.72 -13.62
CA LEU A 351 -19.99 -9.17 -13.37
C LEU A 351 -19.92 -7.66 -13.52
N LEU A 352 -19.83 -7.20 -14.77
CA LEU A 352 -19.54 -5.80 -15.07
C LEU A 352 -20.69 -4.82 -14.80
N GLU A 353 -21.89 -5.18 -15.25
CA GLU A 353 -23.06 -4.36 -14.98
C GLU A 353 -23.23 -4.13 -13.47
N GLU A 354 -23.03 -5.19 -12.70
CA GLU A 354 -23.23 -5.11 -11.26
C GLU A 354 -22.09 -4.33 -10.59
N ALA A 355 -20.89 -4.43 -11.17
CA ALA A 355 -19.76 -3.65 -10.68
C ALA A 355 -20.09 -2.18 -10.83
N LEU A 356 -20.66 -1.82 -11.98
CA LEU A 356 -21.04 -0.44 -12.21
C LEU A 356 -22.05 0.00 -11.15
N PHE A 357 -22.88 -0.93 -10.70
CA PHE A 357 -23.88 -0.59 -9.71
C PHE A 357 -23.22 -0.16 -8.41
N TYR A 358 -22.36 -1.01 -7.88
CA TYR A 358 -21.66 -0.73 -6.64
C TYR A 358 -20.67 0.41 -6.81
N GLY A 359 -20.03 0.47 -7.97
CA GLY A 359 -18.98 1.43 -8.22
C GLY A 359 -19.46 2.86 -8.22
N THR A 360 -20.58 3.08 -8.91
CA THR A 360 -21.18 4.41 -8.99
C THR A 360 -21.49 4.96 -7.60
N ARG A 361 -21.82 4.08 -6.67
CA ARG A 361 -22.17 4.49 -5.31
C ARG A 361 -20.97 4.92 -4.45
N THR A 362 -19.77 4.58 -4.88
CA THR A 362 -18.60 5.02 -4.12
C THR A 362 -18.16 6.41 -4.55
N MET A 363 -18.63 6.87 -5.71
CA MET A 363 -18.06 8.06 -6.35
C MET A 363 -18.09 9.30 -5.45
N GLU A 364 -19.28 9.69 -5.01
CA GLU A 364 -19.40 10.93 -4.25
C GLU A 364 -18.71 10.87 -2.87
N PRO A 365 -18.88 9.76 -2.15
CA PRO A 365 -18.11 9.56 -0.92
C PRO A 365 -16.59 9.66 -1.13
N TYR A 366 -16.07 9.09 -2.22
CA TYR A 366 -14.64 9.12 -2.48
C TYR A 366 -14.18 10.55 -2.71
N ARG A 367 -14.98 11.32 -3.45
CA ARG A 367 -14.65 12.70 -3.72
C ARG A 367 -14.52 13.48 -2.41
N ILE A 368 -15.32 13.10 -1.43
CA ILE A 368 -15.33 13.77 -0.14
C ILE A 368 -14.16 13.33 0.76
N PHE A 369 -13.96 12.02 0.89
CA PHE A 369 -12.94 11.50 1.79
C PHE A 369 -11.51 11.47 1.21
N PHE A 370 -11.37 11.60 -0.10
CA PHE A 370 -10.08 11.55 -0.75
C PHE A 370 -9.82 12.86 -1.45
N PRO A 371 -9.69 13.93 -0.67
CA PRO A 371 -9.63 15.26 -1.28
C PRO A 371 -8.41 15.41 -2.19
N GLY A 372 -8.56 16.25 -3.20
CA GLY A 372 -7.46 16.66 -4.03
C GLY A 372 -7.13 15.63 -5.09
N SER A 373 -5.88 15.19 -5.07
CA SER A 373 -5.38 14.23 -6.03
C SER A 373 -4.83 13.06 -5.24
N HIS A 374 -5.52 11.95 -5.29
CA HIS A 374 -5.08 10.77 -4.60
C HIS A 374 -5.15 9.60 -5.52
N PRO A 375 -4.11 8.80 -5.54
CA PRO A 375 -4.06 7.66 -6.46
C PRO A 375 -5.22 6.70 -6.25
N VAL A 376 -5.62 6.48 -5.00
CA VAL A 376 -6.73 5.57 -4.74
C VAL A 376 -8.04 6.04 -5.42
N ARG A 377 -8.29 7.35 -5.38
CA ARG A 377 -9.47 7.92 -6.00
C ARG A 377 -9.34 7.94 -7.51
N GLY A 378 -8.16 8.35 -7.99
CA GLY A 378 -7.90 8.35 -9.41
C GLY A 378 -8.21 7.02 -10.05
N VAL A 379 -7.83 5.93 -9.39
CA VAL A 379 -8.06 4.59 -9.90
C VAL A 379 -9.52 4.16 -9.81
N GLN A 380 -10.19 4.56 -8.72
CA GLN A 380 -11.62 4.32 -8.52
C GLN A 380 -12.42 4.97 -9.65
N VAL A 381 -12.18 6.27 -9.86
CA VAL A 381 -12.83 7.00 -10.94
C VAL A 381 -12.51 6.36 -12.27
N MET A 382 -11.26 5.97 -12.47
CA MET A 382 -10.91 5.32 -13.73
C MET A 382 -11.72 4.05 -13.97
N LYS A 383 -11.88 3.24 -12.93
CA LYS A 383 -12.63 2.00 -13.07
C LYS A 383 -14.10 2.25 -13.43
N VAL A 384 -14.72 3.17 -12.72
CA VAL A 384 -16.14 3.48 -12.93
C VAL A 384 -16.32 4.00 -14.35
N GLY A 385 -15.52 4.99 -14.74
CA GLY A 385 -15.54 5.51 -16.09
C GLY A 385 -15.44 4.39 -17.13
N LYS A 386 -14.61 3.39 -16.87
CA LYS A 386 -14.45 2.29 -17.81
C LYS A 386 -15.67 1.41 -17.85
N LEU A 387 -16.26 1.19 -16.69
CA LEU A 387 -17.48 0.39 -16.60
C LEU A 387 -18.60 1.12 -17.33
N GLN A 388 -18.68 2.43 -17.13
CA GLN A 388 -19.63 3.26 -17.87
C GLN A 388 -19.43 3.11 -19.36
N LEU A 389 -18.20 3.31 -19.80
CA LEU A 389 -17.87 3.18 -21.21
C LEU A 389 -18.39 1.87 -21.74
N HIS A 390 -18.22 0.82 -20.95
CA HIS A 390 -18.61 -0.52 -21.34
C HIS A 390 -20.11 -0.66 -21.55
N GLN A 391 -20.88 0.10 -20.77
CA GLN A 391 -22.34 0.04 -20.83
C GLN A 391 -22.90 1.05 -21.84
N GLY A 392 -22.02 1.69 -22.58
CA GLY A 392 -22.44 2.62 -23.61
C GLY A 392 -22.80 4.00 -23.09
N MET A 393 -22.62 4.23 -21.79
CA MET A 393 -23.01 5.50 -21.19
C MET A 393 -21.94 6.56 -21.42
N PHE A 394 -21.83 7.03 -22.67
CA PHE A 394 -20.68 7.84 -23.08
C PHE A 394 -20.43 9.14 -22.35
N PRO A 395 -21.43 10.01 -22.24
CA PRO A 395 -21.14 11.30 -21.61
C PRO A 395 -20.78 11.16 -20.14
N GLN A 396 -21.23 10.10 -19.50
CA GLN A 396 -20.89 9.87 -18.11
C GLN A 396 -19.44 9.41 -18.03
N ALA A 397 -19.10 8.41 -18.83
CA ALA A 397 -17.76 7.90 -18.91
C ALA A 397 -16.82 9.08 -19.16
N MET A 398 -17.06 9.82 -20.24
CA MET A 398 -16.18 10.89 -20.66
C MET A 398 -15.84 11.83 -19.50
N LYS A 399 -16.85 12.17 -18.72
CA LYS A 399 -16.66 13.03 -17.58
C LYS A 399 -15.70 12.38 -16.58
N ASN A 400 -15.91 11.09 -16.33
CA ASN A 400 -15.09 10.36 -15.37
C ASN A 400 -13.66 10.05 -15.83
N LEU A 401 -13.55 9.64 -17.09
CA LEU A 401 -12.27 9.40 -17.70
C LEU A 401 -11.43 10.66 -17.66
N ARG A 402 -12.03 11.76 -18.06
CA ARG A 402 -11.35 13.04 -18.00
C ARG A 402 -10.86 13.33 -16.57
N LEU A 403 -11.68 13.01 -15.60
CA LEU A 403 -11.36 13.28 -14.21
C LEU A 403 -10.25 12.36 -13.70
N ALA A 404 -10.30 11.09 -14.09
CA ALA A 404 -9.24 10.18 -13.71
C ALA A 404 -7.91 10.62 -14.34
N PHE A 405 -7.98 11.16 -15.55
CA PHE A 405 -6.77 11.59 -16.22
C PHE A 405 -6.16 12.74 -15.43
N ASP A 406 -7.04 13.60 -14.94
CA ASP A 406 -6.60 14.81 -14.27
C ASP A 406 -5.97 14.50 -12.93
N ILE A 407 -6.52 13.52 -12.23
CA ILE A 407 -5.97 13.07 -10.97
C ILE A 407 -4.69 12.24 -11.18
N MET A 408 -4.73 11.26 -12.08
CA MET A 408 -3.61 10.31 -12.22
C MET A 408 -2.39 10.86 -12.95
N ARG A 409 -2.56 11.93 -13.72
CA ARG A 409 -1.39 12.50 -14.36
C ARG A 409 -0.56 13.11 -13.25
N VAL A 410 -1.22 13.46 -12.15
CA VAL A 410 -0.53 13.98 -10.97
C VAL A 410 -0.02 12.88 -10.04
N THR A 411 -0.82 11.84 -9.80
CA THR A 411 -0.44 10.80 -8.84
C THR A 411 0.40 9.69 -9.46
N HIS A 412 0.19 9.41 -10.74
CA HIS A 412 0.90 8.32 -11.40
C HIS A 412 1.96 8.85 -12.38
N GLY A 413 1.84 10.12 -12.76
CA GLY A 413 2.68 10.73 -13.77
C GLY A 413 2.28 10.39 -15.19
N ARG A 414 2.54 11.31 -16.13
CA ARG A 414 2.20 11.12 -17.54
C ARG A 414 2.80 9.91 -18.25
N GLU A 415 3.91 9.39 -17.74
CA GLU A 415 4.61 8.34 -18.49
C GLU A 415 4.04 6.98 -18.13
N HIS A 416 3.00 7.00 -17.30
CA HIS A 416 2.46 5.77 -16.75
C HIS A 416 1.54 5.04 -17.72
N SER A 417 1.66 3.72 -17.74
CA SER A 417 0.89 2.93 -18.69
C SER A 417 -0.63 3.13 -18.57
N LEU A 418 -1.11 3.38 -17.36
CA LEU A 418 -2.53 3.54 -17.12
C LEU A 418 -3.03 4.84 -17.77
N ILE A 419 -2.13 5.82 -17.88
CA ILE A 419 -2.46 7.07 -18.57
C ILE A 419 -2.61 6.83 -20.07
N GLU A 420 -1.75 5.97 -20.60
CA GLU A 420 -1.85 5.53 -21.98
C GLU A 420 -3.25 4.98 -22.32
N ASP A 421 -3.71 4.04 -21.51
CA ASP A 421 -5.05 3.48 -21.70
C ASP A 421 -6.13 4.57 -21.63
N LEU A 422 -6.00 5.44 -20.63
CA LEU A 422 -6.97 6.50 -20.42
C LEU A 422 -7.14 7.36 -21.68
N ILE A 423 -6.02 7.83 -22.21
CA ILE A 423 -6.02 8.62 -23.42
C ILE A 423 -6.71 7.91 -24.60
N LEU A 424 -6.40 6.64 -24.83
CA LEU A 424 -7.09 5.85 -25.84
C LEU A 424 -8.60 5.78 -25.59
N LEU A 425 -8.98 5.48 -24.35
CA LEU A 425 -10.40 5.46 -24.01
C LEU A 425 -11.05 6.83 -24.20
N LEU A 426 -10.39 7.91 -23.75
CA LEU A 426 -10.97 9.23 -23.94
C LEU A 426 -11.22 9.47 -25.42
N GLU A 427 -10.35 8.95 -26.27
CA GLU A 427 -10.50 9.18 -27.70
C GLU A 427 -11.66 8.39 -28.28
N GLU A 428 -11.75 7.11 -27.94
CA GLU A 428 -12.83 6.27 -28.45
C GLU A 428 -14.17 6.82 -27.98
N CYS A 429 -14.22 7.15 -26.70
CA CYS A 429 -15.38 7.71 -26.07
C CYS A 429 -15.79 9.07 -26.67
N ASP A 430 -14.81 9.94 -26.91
CA ASP A 430 -15.10 11.28 -27.45
C ASP A 430 -15.63 11.13 -28.86
N ALA A 431 -15.18 10.08 -29.55
CA ALA A 431 -15.67 9.81 -30.90
C ALA A 431 -17.17 9.44 -30.88
N ASN A 432 -17.54 8.43 -30.10
CA ASN A 432 -18.93 8.01 -30.04
C ASN A 432 -19.89 9.13 -29.63
N ILE A 433 -19.40 10.04 -28.79
CA ILE A 433 -20.18 11.20 -28.35
C ILE A 433 -20.48 12.16 -29.50
N ARG A 434 -19.46 12.46 -30.31
CA ARG A 434 -19.64 13.35 -31.45
C ARG A 434 -20.01 12.58 -32.72
N ALA A 435 -20.55 11.38 -32.50
CA ALA A 435 -21.19 10.59 -33.55
C ALA A 435 -22.63 10.34 -33.13
N SER A 436 -22.98 10.90 -31.97
CA SER A 436 -24.32 10.76 -31.40
C SER A 436 -25.18 11.98 -31.69
N LYS B 2 -1.92 -4.68 10.32
CA LYS B 2 -1.37 -4.76 8.97
C LYS B 2 0.06 -4.20 8.93
N LEU B 3 1.04 -5.07 8.63
CA LEU B 3 2.44 -4.67 8.50
C LEU B 3 2.65 -3.73 7.32
N GLY B 4 3.26 -2.59 7.58
CA GLY B 4 3.59 -1.66 6.51
C GLY B 4 2.58 -0.54 6.34
N SER B 6 0.14 2.13 4.81
CA SER B 6 -0.89 2.18 3.77
C SER B 6 -0.59 3.24 2.70
N LEU B 7 -1.29 3.16 1.57
CA LEU B 7 -1.15 4.17 0.51
C LEU B 7 -2.46 4.91 0.23
N GLY B 8 -3.46 4.68 1.08
CA GLY B 8 -4.73 5.40 0.95
C GLY B 8 -5.94 4.69 1.55
#